data_4CYU
#
_entry.id   4CYU
#
_cell.length_a   62.002
_cell.length_b   94.263
_cell.length_c   62.989
_cell.angle_alpha   90.00
_cell.angle_beta   112.44
_cell.angle_gamma   90.00
#
_symmetry.space_group_name_H-M   'P 1 21 1'
#
loop_
_entity.id
_entity.type
_entity.pdbx_description
1 polymer 7,8-DIHYDRO-6-HYDROXYMETHYLPTERIN-PYROPHOSPHOKINASE
2 polymer 7,8-DIHYDRO-6-HYDROXYMETHYLPTERIN-PYROPHOSPHOKINASE
3 non-polymer 'MAGNESIUM ION'
4 non-polymer 'DIPHOSPHOMETHYLPHOSPHONIC ACID ADENOSYL ESTER'
5 non-polymer 2-AMINO-2-HYDROXYMETHYL-PROPANE-1,3-DIOL
6 water water
#
loop_
_entity_poly.entity_id
_entity_poly.type
_entity_poly.pdbx_seq_one_letter_code
_entity_poly.pdbx_strand_id
1 'polypeptide(L)'
;GSHMIQAYLGLGSNIGDRESQLNDAIKILNEYDGISVSNISPIYETAPVGYTEQPNFLNLCVEIQTTLTVLQLLECCLKT
EECLHRIRKERWGPRTLDVDILLYGEEMIDLPKLSVPHPRMNERAFVLIPLNDIAANVVEPRSKLKVKDLVFVNDSVKRY
K
;
A
2 'polypeptide(L)'
;GSHMIQAYLGLGSNIGDRESQLNDAIKILNEYDGISVSNISPIYETAPVGYTEQPNFLNLCVEIQTTLTVLQLLECCLKT
EECLHRIRKERWGPRTLDVDILLYGEEMIDLPKLSVPHPRMNERAFVLIPLNDIAANVVEPRSKLKVKDLVFVDDSVKRY
K
;
B,C,D
#
# COMPACT_ATOMS: atom_id res chain seq x y z
N HIS A 3 -0.97 -11.94 -28.51
CA HIS A 3 -2.14 -12.25 -27.63
C HIS A 3 -2.50 -11.05 -26.77
N MET A 4 -3.58 -11.20 -26.01
CA MET A 4 -4.21 -10.15 -25.22
C MET A 4 -3.41 -9.79 -23.96
N ILE A 5 -3.11 -8.51 -23.81
CA ILE A 5 -2.36 -8.00 -22.70
C ILE A 5 -3.17 -7.04 -21.87
N GLN A 6 -2.96 -7.08 -20.57
CA GLN A 6 -3.61 -6.11 -19.71
C GLN A 6 -2.68 -4.94 -19.41
N ALA A 7 -3.19 -3.72 -19.60
CA ALA A 7 -2.43 -2.49 -19.35
C ALA A 7 -3.22 -1.44 -18.59
N TYR A 8 -2.50 -0.49 -18.04
CA TYR A 8 -3.08 0.53 -17.23
C TYR A 8 -2.62 1.88 -17.70
N LEU A 9 -3.57 2.78 -17.89
CA LEU A 9 -3.26 4.13 -18.31
C LEU A 9 -3.68 5.13 -17.27
N GLY A 10 -2.95 6.24 -17.22
CA GLY A 10 -3.24 7.35 -16.33
C GLY A 10 -3.62 8.56 -17.17
N LEU A 11 -4.74 9.18 -16.83
CA LEU A 11 -5.26 10.30 -17.59
C LEU A 11 -5.42 11.50 -16.70
N GLY A 12 -5.07 12.66 -17.22
CA GLY A 12 -5.15 13.87 -16.44
C GLY A 12 -5.59 15.05 -17.28
N SER A 13 -6.32 15.96 -16.67
CA SER A 13 -6.73 17.17 -17.36
C SER A 13 -7.01 18.22 -16.34
N ASN A 14 -6.55 19.44 -16.60
CA ASN A 14 -6.85 20.57 -15.72
C ASN A 14 -7.33 21.80 -16.47
N ILE A 15 -8.01 21.62 -17.59
CA ILE A 15 -8.57 22.76 -18.28
C ILE A 15 -9.91 22.50 -18.92
N GLY A 16 -10.73 23.52 -18.96
CA GLY A 16 -12.04 23.42 -19.58
C GLY A 16 -12.95 22.54 -18.77
N ASP A 17 -13.87 21.86 -19.45
CA ASP A 17 -14.68 20.83 -18.79
C ASP A 17 -13.82 19.58 -18.63
N ARG A 18 -13.07 19.58 -17.52
CA ARG A 18 -12.06 18.57 -17.25
C ARG A 18 -12.66 17.17 -17.33
N GLU A 19 -13.82 17.00 -16.72
CA GLU A 19 -14.46 15.69 -16.70
C GLU A 19 -14.80 15.19 -18.10
N SER A 20 -15.18 16.09 -18.98
CA SER A 20 -15.52 15.71 -20.36
C SER A 20 -14.31 15.26 -21.10
N GLN A 21 -13.20 15.95 -20.85
CA GLN A 21 -11.94 15.64 -21.51
C GLN A 21 -11.60 14.18 -21.21
N LEU A 22 -11.70 13.83 -19.94
CA LEU A 22 -11.35 12.49 -19.49
C LEU A 22 -12.29 11.45 -20.09
N ASN A 23 -13.58 11.74 -20.02
CA ASN A 23 -14.60 10.85 -20.56
C ASN A 23 -14.50 10.71 -22.07
N ASP A 24 -14.08 11.78 -22.74
CA ASP A 24 -13.89 11.73 -24.18
C ASP A 24 -12.65 10.96 -24.57
N ALA A 25 -11.63 11.02 -23.73
CA ALA A 25 -10.39 10.30 -24.01
C ALA A 25 -10.65 8.81 -23.90
N ILE A 26 -11.41 8.43 -22.88
CA ILE A 26 -11.78 7.02 -22.67
C ILE A 26 -12.63 6.50 -23.82
N LYS A 27 -13.54 7.34 -24.29
CA LYS A 27 -14.40 7.02 -25.40
C LYS A 27 -13.57 6.72 -26.65
N ILE A 28 -12.60 7.59 -26.92
CA ILE A 28 -11.76 7.46 -28.11
C ILE A 28 -10.88 6.24 -28.03
N LEU A 29 -10.29 6.03 -26.87
CA LEU A 29 -9.39 4.90 -26.68
C LEU A 29 -10.11 3.57 -26.87
N ASN A 30 -11.30 3.49 -26.27
CA ASN A 30 -12.13 2.32 -26.36
C ASN A 30 -12.51 1.96 -27.78
N GLU A 31 -12.36 2.93 -28.69
CA GLU A 31 -12.81 2.71 -30.05
C GLU A 31 -11.70 2.51 -31.03
N TYR A 32 -10.46 2.52 -30.58
CA TYR A 32 -9.37 2.03 -31.44
C TYR A 32 -9.47 0.53 -31.59
N ASP A 33 -9.03 0.05 -32.74
CA ASP A 33 -8.94 -1.39 -32.93
C ASP A 33 -7.79 -1.90 -32.07
N GLY A 34 -8.04 -3.02 -31.39
CA GLY A 34 -7.02 -3.66 -30.57
C GLY A 34 -7.00 -3.18 -29.14
N ILE A 35 -7.94 -2.31 -28.80
CA ILE A 35 -8.05 -1.80 -27.45
C ILE A 35 -9.48 -1.92 -26.98
N SER A 36 -9.67 -2.40 -25.77
CA SER A 36 -10.97 -2.26 -25.13
C SER A 36 -10.79 -1.93 -23.66
N VAL A 37 -11.64 -1.06 -23.17
CA VAL A 37 -11.55 -0.59 -21.81
C VAL A 37 -12.33 -1.48 -20.88
N SER A 38 -11.63 -2.11 -19.96
CA SER A 38 -12.25 -3.08 -19.05
C SER A 38 -12.50 -2.54 -17.64
N ASN A 39 -11.88 -1.43 -17.28
CA ASN A 39 -12.17 -0.85 -15.96
C ASN A 39 -11.68 0.58 -15.84
N ILE A 40 -12.30 1.31 -14.91
CA ILE A 40 -12.10 2.74 -14.76
C ILE A 40 -12.12 3.08 -13.29
N SER A 41 -11.11 3.82 -12.85
CA SER A 41 -11.06 4.27 -11.48
C SER A 41 -12.08 5.37 -11.27
N PRO A 42 -12.39 5.66 -10.03
CA PRO A 42 -13.05 6.93 -9.74
C PRO A 42 -12.13 8.09 -10.08
N ILE A 43 -12.69 9.28 -10.22
CA ILE A 43 -11.90 10.48 -10.51
C ILE A 43 -11.43 11.11 -9.22
N TYR A 44 -10.20 11.64 -9.24
CA TYR A 44 -9.66 12.38 -8.10
C TYR A 44 -9.21 13.78 -8.50
N GLU A 45 -9.38 14.72 -7.57
CA GLU A 45 -8.98 16.11 -7.77
C GLU A 45 -7.80 16.41 -6.85
N THR A 46 -6.86 17.18 -7.38
CA THR A 46 -5.57 17.41 -6.74
C THR A 46 -5.25 18.90 -6.74
N ALA A 47 -5.12 19.45 -5.52
CA ALA A 47 -4.86 20.88 -5.23
C ALA A 47 -3.39 21.30 -5.23
N THR A 52 -0.65 28.43 -9.64
CA THR A 52 -1.61 28.34 -8.52
C THR A 52 -3.07 28.67 -8.92
N GLU A 53 -3.24 29.72 -9.71
CA GLU A 53 -4.56 30.22 -10.15
C GLU A 53 -5.25 29.48 -11.33
N GLN A 54 -4.62 28.44 -11.84
CA GLN A 54 -5.23 27.66 -12.93
C GLN A 54 -5.90 26.44 -12.27
N PRO A 55 -6.91 25.82 -12.92
CA PRO A 55 -7.70 24.82 -12.19
C PRO A 55 -6.90 23.64 -11.69
N ASN A 56 -7.48 22.93 -10.74
CA ASN A 56 -6.91 21.69 -10.28
C ASN A 56 -7.03 20.58 -11.31
N PHE A 57 -6.09 19.66 -11.24
CA PHE A 57 -6.15 18.46 -12.06
C PHE A 57 -7.26 17.51 -11.62
N LEU A 58 -7.94 16.93 -12.61
CA LEU A 58 -8.66 15.69 -12.43
C LEU A 58 -7.83 14.58 -13.05
N ASN A 59 -7.77 13.46 -12.36
CA ASN A 59 -7.02 12.31 -12.79
C ASN A 59 -7.82 11.05 -12.60
N LEU A 60 -7.56 10.07 -13.43
CA LEU A 60 -8.10 8.75 -13.19
C LEU A 60 -7.21 7.74 -13.85
N CYS A 61 -7.49 6.47 -13.61
CA CYS A 61 -6.76 5.38 -14.20
C CYS A 61 -7.71 4.48 -14.96
N VAL A 62 -7.18 3.82 -15.97
CA VAL A 62 -7.97 3.04 -16.89
C VAL A 62 -7.27 1.72 -17.14
N GLU A 63 -8.04 0.66 -17.06
CA GLU A 63 -7.54 -0.67 -17.34
C GLU A 63 -8.00 -0.99 -18.73
N ILE A 64 -7.08 -1.46 -19.54
CA ILE A 64 -7.45 -1.89 -20.89
C ILE A 64 -6.99 -3.29 -21.13
N GLN A 65 -7.69 -3.95 -22.03
CA GLN A 65 -7.25 -5.21 -22.64
C GLN A 65 -6.87 -4.88 -24.05
N THR A 66 -5.63 -5.13 -24.41
CA THR A 66 -5.15 -4.75 -25.73
C THR A 66 -4.40 -5.88 -26.41
N THR A 67 -4.56 -5.95 -27.74
CA THR A 67 -3.75 -6.83 -28.59
C THR A 67 -2.63 -6.03 -29.27
N LEU A 68 -2.50 -4.75 -28.94
CA LEU A 68 -1.44 -3.92 -29.51
C LEU A 68 -0.11 -4.16 -28.83
N THR A 69 0.96 -3.84 -29.54
CA THR A 69 2.28 -3.75 -28.93
C THR A 69 2.28 -2.47 -28.12
N VAL A 70 3.20 -2.38 -27.16
CA VAL A 70 3.23 -1.22 -26.31
C VAL A 70 3.55 0.05 -27.08
N LEU A 71 4.32 -0.08 -28.17
CA LEU A 71 4.58 1.07 -29.03
C LEU A 71 3.35 1.51 -29.79
N GLN A 72 2.58 0.57 -30.32
CA GLN A 72 1.33 0.91 -31.01
C GLN A 72 0.37 1.58 -30.03
N LEU A 73 0.37 1.10 -28.80
CA LEU A 73 -0.47 1.66 -27.75
C LEU A 73 -0.07 3.11 -27.45
N LEU A 74 1.23 3.36 -27.39
CA LEU A 74 1.73 4.73 -27.24
C LEU A 74 1.21 5.66 -28.34
N GLU A 75 1.24 5.22 -29.61
CA GLU A 75 0.74 6.06 -30.68
C GLU A 75 -0.74 6.36 -30.51
N CYS A 76 -1.51 5.39 -30.07
CA CYS A 76 -2.93 5.61 -29.78
C CYS A 76 -3.16 6.64 -28.68
N CYS A 77 -2.33 6.59 -27.64
CA CYS A 77 -2.41 7.55 -26.53
C CYS A 77 -2.10 8.96 -27.00
N LEU A 78 -1.06 9.11 -27.80
CA LEU A 78 -0.66 10.41 -28.31
C LEU A 78 -1.64 10.98 -29.33
N LYS A 79 -2.24 10.10 -30.15
CA LYS A 79 -3.23 10.54 -31.13
C LYS A 79 -4.47 11.00 -30.43
N THR A 80 -4.73 10.43 -29.27
CA THR A 80 -5.86 10.84 -28.45
C THR A 80 -5.60 12.18 -27.81
N GLU A 81 -4.41 12.39 -27.23
CA GLU A 81 -4.01 13.73 -26.75
C GLU A 81 -4.16 14.74 -27.88
N GLU A 82 -3.60 14.40 -29.03
CA GLU A 82 -3.56 15.26 -30.22
C GLU A 82 -4.92 15.62 -30.70
N CYS A 83 -5.79 14.62 -30.79
CA CYS A 83 -7.14 14.83 -31.24
C CYS A 83 -7.83 15.85 -30.38
N LEU A 84 -7.95 15.60 -29.08
CA LEU A 84 -8.64 16.52 -28.16
C LEU A 84 -8.04 17.92 -28.21
N HIS A 85 -6.72 17.99 -28.28
CA HIS A 85 -6.05 19.27 -28.28
C HIS A 85 -6.42 20.11 -29.50
N ARG A 86 -6.23 19.51 -30.68
CA ARG A 86 -6.50 20.20 -31.95
C ARG A 86 -7.89 20.79 -32.04
N ILE A 87 -8.84 20.08 -31.45
CA ILE A 87 -10.24 20.45 -31.52
C ILE A 87 -10.68 21.43 -30.42
N ARG A 88 -9.82 21.75 -29.47
CA ARG A 88 -10.08 22.81 -28.45
C ARG A 88 -10.59 24.12 -29.06
N LYS A 89 -11.46 24.79 -28.31
CA LYS A 89 -12.01 26.09 -28.66
C LYS A 89 -11.02 27.24 -28.64
N GLU A 90 -10.18 27.20 -27.63
CA GLU A 90 -9.34 28.30 -27.15
C GLU A 90 -8.10 28.40 -28.00
N ARG A 91 -7.93 29.54 -28.65
CA ARG A 91 -6.99 29.67 -29.77
C ARG A 91 -5.61 29.09 -29.48
N TRP A 92 -5.17 29.28 -28.25
CA TRP A 92 -3.97 28.63 -27.76
C TRP A 92 -4.17 28.53 -26.28
N GLY A 93 -3.36 27.68 -25.66
CA GLY A 93 -3.42 27.50 -24.23
C GLY A 93 -2.70 26.22 -23.87
N PRO A 94 -2.66 25.92 -22.57
CA PRO A 94 -1.97 24.69 -22.15
C PRO A 94 -2.71 23.46 -22.65
N ARG A 95 -1.99 22.34 -22.73
CA ARG A 95 -2.63 21.15 -23.29
C ARG A 95 -3.74 20.62 -22.40
N THR A 96 -4.70 19.98 -23.05
CA THR A 96 -5.96 19.69 -22.40
C THR A 96 -5.92 18.37 -21.65
N LEU A 97 -5.03 17.46 -22.06
CA LEU A 97 -5.09 16.09 -21.62
C LEU A 97 -3.75 15.39 -21.68
N ASP A 98 -3.39 14.70 -20.61
CA ASP A 98 -2.20 13.86 -20.59
C ASP A 98 -2.66 12.43 -20.46
N VAL A 99 -2.16 11.59 -21.37
CA VAL A 99 -2.39 10.15 -21.31
C VAL A 99 -1.04 9.48 -21.17
N ASP A 100 -0.82 8.89 -20.01
CA ASP A 100 0.44 8.24 -19.71
C ASP A 100 0.22 6.72 -19.57
N ILE A 101 1.16 5.95 -20.10
CA ILE A 101 1.13 4.51 -19.91
C ILE A 101 1.81 4.17 -18.60
N LEU A 102 1.07 3.53 -17.72
CA LEU A 102 1.57 3.23 -16.39
C LEU A 102 2.17 1.85 -16.30
N LEU A 103 1.44 0.88 -16.83
CA LEU A 103 1.85 -0.51 -16.77
C LEU A 103 1.39 -1.20 -18.02
N TYR A 104 2.23 -2.12 -18.48
CA TYR A 104 1.92 -2.95 -19.62
C TYR A 104 2.30 -4.38 -19.26
N GLY A 105 1.30 -5.20 -18.95
CA GLY A 105 1.53 -6.53 -18.39
C GLY A 105 2.42 -6.40 -17.17
N GLU A 106 3.44 -7.24 -17.08
CA GLU A 106 4.47 -7.12 -16.04
C GLU A 106 5.82 -6.85 -16.69
N GLU A 107 5.77 -6.10 -17.77
CA GLU A 107 6.92 -5.87 -18.60
C GLU A 107 7.60 -4.60 -18.16
N MET A 108 8.90 -4.58 -18.39
CA MET A 108 9.72 -3.37 -18.21
C MET A 108 10.27 -2.97 -19.56
N ILE A 109 10.16 -1.70 -19.89
CA ILE A 109 10.55 -1.23 -21.20
C ILE A 109 11.34 0.06 -21.04
N ASP A 110 12.52 0.11 -21.66
CA ASP A 110 13.38 1.27 -21.60
C ASP A 110 13.84 1.66 -22.95
N LEU A 111 13.07 2.56 -23.54
CA LEU A 111 13.39 3.22 -24.78
C LEU A 111 13.50 4.70 -24.49
N PRO A 112 14.29 5.43 -25.28
CA PRO A 112 14.28 6.89 -25.17
C PRO A 112 12.87 7.49 -25.23
N LYS A 113 12.02 6.96 -26.10
CA LYS A 113 10.67 7.52 -26.29
C LYS A 113 9.62 6.94 -25.35
N LEU A 114 9.99 5.93 -24.58
CA LEU A 114 9.02 5.16 -23.80
C LEU A 114 9.63 4.46 -22.58
N SER A 115 9.08 4.75 -21.41
CA SER A 115 9.49 4.07 -20.17
C SER A 115 8.29 3.47 -19.52
N VAL A 116 8.27 2.16 -19.39
CA VAL A 116 7.20 1.47 -18.70
C VAL A 116 7.81 0.48 -17.75
N PRO A 117 7.37 0.44 -16.49
CA PRO A 117 6.36 1.26 -15.85
C PRO A 117 6.74 2.70 -15.82
N HIS A 118 5.74 3.56 -15.78
CA HIS A 118 6.03 4.98 -15.77
C HIS A 118 6.95 5.21 -14.59
N PRO A 119 8.10 5.84 -14.85
CA PRO A 119 9.15 5.93 -13.84
C PRO A 119 8.88 6.89 -12.68
N ARG A 120 7.75 7.57 -12.68
CA ARG A 120 7.40 8.46 -11.57
C ARG A 120 6.09 8.11 -10.87
N MET A 121 5.45 7.03 -11.31
CA MET A 121 4.15 6.67 -10.73
C MET A 121 4.26 6.45 -9.23
N ASN A 122 5.37 5.85 -8.80
CA ASN A 122 5.53 5.45 -7.41
C ASN A 122 5.60 6.59 -6.44
N GLU A 123 5.96 7.76 -6.94
CA GLU A 123 6.04 8.95 -6.09
C GLU A 123 4.81 9.88 -6.25
N ARG A 124 3.76 9.44 -6.93
CA ARG A 124 2.60 10.30 -7.22
C ARG A 124 1.28 9.72 -6.73
N ALA A 125 0.72 10.35 -5.73
CA ALA A 125 -0.52 9.87 -5.14
C ALA A 125 -1.69 9.98 -6.10
N PHE A 126 -1.66 11.01 -6.94
CA PHE A 126 -2.73 11.22 -7.90
C PHE A 126 -2.75 10.15 -8.99
N VAL A 127 -1.73 9.31 -9.01
CA VAL A 127 -1.67 8.16 -9.88
C VAL A 127 -1.98 6.89 -9.09
N LEU A 128 -1.23 6.70 -8.00
CA LEU A 128 -1.36 5.49 -7.19
C LEU A 128 -2.74 5.29 -6.57
N ILE A 129 -3.34 6.37 -6.08
CA ILE A 129 -4.62 6.24 -5.39
C ILE A 129 -5.69 5.73 -6.34
N PRO A 130 -5.90 6.41 -7.50
CA PRO A 130 -6.89 5.86 -8.44
C PRO A 130 -6.48 4.49 -8.99
N LEU A 131 -5.19 4.29 -9.27
CA LEU A 131 -4.72 2.99 -9.74
C LEU A 131 -5.05 1.87 -8.75
N ASN A 132 -4.90 2.16 -7.46
CA ASN A 132 -5.17 1.18 -6.42
C ASN A 132 -6.63 0.78 -6.38
N ASP A 133 -7.51 1.67 -6.80
CA ASP A 133 -8.95 1.35 -6.89
C ASP A 133 -9.27 0.24 -7.89
N ILE A 134 -8.43 0.08 -8.93
CA ILE A 134 -8.69 -0.91 -9.98
C ILE A 134 -7.55 -1.91 -10.20
N ALA A 135 -6.44 -1.77 -9.49
CA ALA A 135 -5.27 -2.61 -9.75
C ALA A 135 -4.45 -2.88 -8.50
N ALA A 136 -5.14 -3.01 -7.37
CA ALA A 136 -4.49 -3.23 -6.10
C ALA A 136 -3.49 -4.39 -6.09
N ASN A 137 -3.81 -5.47 -6.80
CA ASN A 137 -2.96 -6.67 -6.77
C ASN A 137 -2.00 -6.83 -7.94
N VAL A 138 -1.89 -5.79 -8.76
CA VAL A 138 -0.97 -5.83 -9.86
C VAL A 138 0.43 -5.49 -9.36
N VAL A 139 1.43 -6.20 -9.89
CA VAL A 139 2.80 -5.98 -9.50
C VAL A 139 3.40 -4.92 -10.37
N GLU A 140 4.08 -3.99 -9.72
CA GLU A 140 4.92 -3.03 -10.40
C GLU A 140 6.30 -3.69 -10.49
N PRO A 141 6.76 -4.01 -11.71
CA PRO A 141 7.96 -4.85 -11.87
C PRO A 141 9.30 -4.26 -11.46
N ARG A 142 9.46 -2.94 -11.40
CA ARG A 142 10.73 -2.37 -10.96
C ARG A 142 10.94 -2.53 -9.47
N SER A 143 9.97 -2.09 -8.69
CA SER A 143 10.00 -2.24 -7.23
C SER A 143 9.68 -3.67 -6.79
N LYS A 144 9.01 -4.41 -7.66
CA LYS A 144 8.46 -5.75 -7.37
C LYS A 144 7.42 -5.72 -6.24
N LEU A 145 6.83 -4.56 -5.99
CA LEU A 145 5.74 -4.42 -5.05
C LEU A 145 4.42 -4.32 -5.76
N LYS A 146 3.38 -4.75 -5.08
CA LYS A 146 2.05 -4.55 -5.60
C LYS A 146 1.65 -3.11 -5.42
N VAL A 147 0.64 -2.72 -6.19
CA VAL A 147 0.15 -1.37 -6.13
C VAL A 147 -0.30 -1.11 -4.71
N LYS A 148 -1.09 -2.01 -4.16
CA LYS A 148 -1.62 -1.78 -2.80
C LYS A 148 -0.53 -1.62 -1.72
N ASP A 149 0.68 -2.09 -2.01
CA ASP A 149 1.85 -1.96 -1.11
C ASP A 149 2.58 -0.65 -1.33
N LEU A 150 2.30 0.03 -2.44
CA LEU A 150 2.93 1.33 -2.77
C LEU A 150 2.05 2.53 -2.42
N VAL A 151 0.74 2.36 -2.52
CA VAL A 151 -0.16 3.46 -2.28
C VAL A 151 -0.01 4.01 -0.87
N PHE A 152 -0.04 5.33 -0.78
CA PHE A 152 -0.03 6.01 0.50
C PHE A 152 -1.13 7.07 0.59
N VAL A 153 -1.46 7.44 1.82
CA VAL A 153 -2.43 8.48 2.05
C VAL A 153 -1.84 9.83 1.65
N ASN A 154 -2.65 10.61 0.94
CA ASN A 154 -2.31 11.99 0.66
C ASN A 154 -3.57 12.83 0.63
N ASP A 155 -3.64 13.78 1.55
CA ASP A 155 -4.84 14.55 1.82
C ASP A 155 -5.15 15.57 0.73
N SER A 156 -4.15 15.91 -0.07
CA SER A 156 -4.37 16.82 -1.18
C SER A 156 -5.08 16.15 -2.36
N VAL A 157 -5.26 14.83 -2.29
CA VAL A 157 -5.95 14.09 -3.34
C VAL A 157 -7.32 13.66 -2.86
N LYS A 158 -8.35 14.28 -3.42
CA LYS A 158 -9.72 14.08 -2.96
C LYS A 158 -10.56 13.44 -4.05
N ARG A 159 -11.52 12.62 -3.64
CA ARG A 159 -12.47 12.09 -4.59
C ARG A 159 -13.34 13.20 -5.15
N TYR A 160 -13.51 13.23 -6.45
CA TYR A 160 -14.31 14.22 -7.15
C TYR A 160 -15.62 13.59 -7.56
N MET B 4 -16.07 -37.65 -20.59
CA MET B 4 -16.92 -36.69 -19.79
C MET B 4 -16.20 -36.32 -18.49
N ILE B 5 -15.89 -35.03 -18.38
CA ILE B 5 -15.13 -34.52 -17.26
C ILE B 5 -15.98 -33.52 -16.47
N GLN B 6 -15.85 -33.59 -15.16
CA GLN B 6 -16.55 -32.68 -14.30
C GLN B 6 -15.67 -31.48 -13.95
N ALA B 7 -16.22 -30.28 -14.14
CA ALA B 7 -15.48 -29.03 -13.89
C ALA B 7 -16.30 -28.02 -13.14
N TYR B 8 -15.60 -27.06 -12.57
CA TYR B 8 -16.22 -26.06 -11.76
C TYR B 8 -15.77 -24.69 -12.22
N LEU B 9 -16.74 -23.81 -12.39
CA LEU B 9 -16.46 -22.44 -12.78
C LEU B 9 -16.91 -21.47 -11.71
N GLY B 10 -16.20 -20.36 -11.62
CA GLY B 10 -16.54 -19.26 -10.74
C GLY B 10 -16.95 -18.05 -11.56
N LEU B 11 -18.09 -17.46 -11.22
CA LEU B 11 -18.63 -16.33 -11.96
C LEU B 11 -18.82 -15.16 -11.06
N GLY B 12 -18.50 -13.97 -11.55
CA GLY B 12 -18.63 -12.77 -10.75
C GLY B 12 -19.08 -11.59 -11.57
N SER B 13 -19.87 -10.71 -10.96
CA SER B 13 -20.31 -9.51 -11.64
C SER B 13 -20.63 -8.47 -10.62
N ASN B 14 -20.20 -7.24 -10.87
CA ASN B 14 -20.53 -6.13 -9.97
C ASN B 14 -21.05 -4.91 -10.71
N ILE B 15 -21.76 -5.12 -11.80
CA ILE B 15 -22.22 -4.02 -12.63
C ILE B 15 -23.60 -4.31 -13.17
N GLY B 16 -24.43 -3.26 -13.22
CA GLY B 16 -25.76 -3.37 -13.82
C GLY B 16 -26.66 -4.28 -13.01
N ASP B 17 -27.57 -4.98 -13.69
CA ASP B 17 -28.35 -6.03 -13.06
C ASP B 17 -27.43 -7.26 -12.92
N ARG B 18 -26.69 -7.25 -11.82
CA ARG B 18 -25.68 -8.26 -11.55
C ARG B 18 -26.24 -9.68 -11.63
N GLU B 19 -27.39 -9.90 -11.03
CA GLU B 19 -27.99 -11.22 -11.02
C GLU B 19 -28.34 -11.71 -12.42
N SER B 20 -28.74 -10.79 -13.30
CA SER B 20 -29.05 -11.16 -14.69
C SER B 20 -27.81 -11.57 -15.44
N GLN B 21 -26.73 -10.85 -15.17
CA GLN B 21 -25.46 -11.13 -15.82
C GLN B 21 -25.08 -12.57 -15.55
N LEU B 22 -25.19 -12.95 -14.29
CA LEU B 22 -24.78 -14.28 -13.87
C LEU B 22 -25.70 -15.34 -14.48
N ASN B 23 -27.00 -15.08 -14.40
CA ASN B 23 -27.99 -16.00 -14.99
C ASN B 23 -27.87 -16.14 -16.49
N ASP B 24 -27.47 -15.04 -17.14
CA ASP B 24 -27.29 -15.06 -18.57
C ASP B 24 -26.00 -15.77 -18.96
N ALA B 25 -24.98 -15.66 -18.13
CA ALA B 25 -23.73 -16.36 -18.40
C ALA B 25 -23.95 -17.87 -18.35
N ILE B 26 -24.72 -18.30 -17.35
CA ILE B 26 -25.02 -19.71 -17.17
C ILE B 26 -25.85 -20.24 -18.34
N LYS B 27 -26.76 -19.41 -18.78
CA LYS B 27 -27.61 -19.75 -19.90
C LYS B 27 -26.77 -20.01 -21.14
N ILE B 28 -25.82 -19.14 -21.37
CA ILE B 28 -24.97 -19.21 -22.55
C ILE B 28 -24.06 -20.40 -22.50
N LEU B 29 -23.46 -20.62 -21.34
CA LEU B 29 -22.53 -21.74 -21.17
C LEU B 29 -23.22 -23.06 -21.39
N ASN B 30 -24.39 -23.17 -20.81
CA ASN B 30 -25.20 -24.37 -20.94
C ASN B 30 -25.56 -24.70 -22.38
N GLU B 31 -25.44 -23.71 -23.25
CA GLU B 31 -25.86 -23.89 -24.63
C GLU B 31 -24.71 -24.15 -25.59
N TYR B 32 -23.47 -24.12 -25.13
CA TYR B 32 -22.38 -24.59 -25.98
C TYR B 32 -22.44 -26.11 -26.15
N ASP B 33 -22.01 -26.60 -27.30
CA ASP B 33 -21.89 -28.04 -27.49
C ASP B 33 -20.75 -28.52 -26.64
N GLY B 34 -20.98 -29.64 -25.97
CA GLY B 34 -19.95 -30.26 -25.13
C GLY B 34 -19.96 -29.80 -23.68
N ILE B 35 -20.91 -28.93 -23.35
CA ILE B 35 -21.03 -28.41 -22.01
C ILE B 35 -22.46 -28.55 -21.57
N SER B 36 -22.65 -29.06 -20.36
CA SER B 36 -23.95 -28.96 -19.75
C SER B 36 -23.79 -28.64 -18.28
N VAL B 37 -24.68 -27.78 -17.79
CA VAL B 37 -24.62 -27.32 -16.43
C VAL B 37 -25.40 -28.26 -15.54
N SER B 38 -24.70 -28.89 -14.61
CA SER B 38 -25.29 -29.87 -13.71
C SER B 38 -25.58 -29.36 -12.32
N ASN B 39 -25.01 -28.22 -11.94
CA ASN B 39 -25.32 -27.65 -10.63
C ASN B 39 -24.88 -26.22 -10.49
N ILE B 40 -25.50 -25.52 -9.54
CA ILE B 40 -25.31 -24.09 -9.35
C ILE B 40 -25.36 -23.76 -7.87
N SER B 41 -24.37 -23.04 -7.41
CA SER B 41 -24.35 -22.60 -6.04
C SER B 41 -25.40 -21.51 -5.81
N PRO B 42 -25.74 -21.26 -4.56
CA PRO B 42 -26.43 -20.01 -4.27
C PRO B 42 -25.53 -18.82 -4.59
N ILE B 43 -26.12 -17.64 -4.73
CA ILE B 43 -25.37 -16.42 -4.99
C ILE B 43 -24.93 -15.76 -3.70
N TYR B 44 -23.73 -15.20 -3.70
CA TYR B 44 -23.23 -14.51 -2.54
C TYR B 44 -22.80 -13.08 -2.88
N GLU B 45 -23.02 -12.16 -1.94
CA GLU B 45 -22.63 -10.78 -2.11
C GLU B 45 -21.48 -10.48 -1.17
N THR B 46 -20.53 -9.68 -1.66
CA THR B 46 -19.26 -9.45 -0.98
C THR B 46 -18.99 -7.96 -0.95
N ALA B 47 -18.91 -7.44 0.27
CA ALA B 47 -18.57 -6.05 0.56
C ALA B 47 -17.04 -5.90 0.48
N PRO B 48 -16.52 -4.96 -0.35
CA PRO B 48 -15.06 -4.92 -0.60
C PRO B 48 -14.18 -4.50 0.59
N THR B 52 -14.54 1.91 -2.92
CA THR B 52 -14.98 1.97 -4.32
C THR B 52 -16.32 2.69 -4.51
N GLU B 53 -16.47 3.31 -5.67
CA GLU B 53 -17.73 3.88 -6.13
C GLU B 53 -18.58 2.88 -6.91
N GLN B 54 -18.25 1.59 -6.84
CA GLN B 54 -18.94 0.57 -7.65
C GLN B 54 -19.71 -0.34 -6.73
N PRO B 55 -20.81 -0.97 -7.25
CA PRO B 55 -21.55 -1.95 -6.47
C PRO B 55 -20.69 -3.11 -5.96
N ASN B 56 -21.22 -3.84 -4.98
CA ASN B 56 -20.61 -5.07 -4.52
C ASN B 56 -20.68 -6.16 -5.57
N PHE B 57 -19.73 -7.08 -5.50
CA PHE B 57 -19.77 -8.26 -6.33
C PHE B 57 -20.87 -9.24 -5.90
N LEU B 58 -21.51 -9.83 -6.91
CA LEU B 58 -22.23 -11.10 -6.75
C LEU B 58 -21.35 -12.18 -7.37
N ASN B 59 -21.28 -13.30 -6.69
CA ASN B 59 -20.50 -14.43 -7.15
C ASN B 59 -21.28 -15.71 -6.99
N LEU B 60 -20.98 -16.67 -7.84
CA LEU B 60 -21.48 -18.01 -7.63
C LEU B 60 -20.54 -18.99 -8.28
N CYS B 61 -20.81 -20.28 -8.06
CA CYS B 61 -20.05 -21.32 -8.68
C CYS B 61 -20.97 -22.23 -9.45
N VAL B 62 -20.40 -22.88 -10.46
CA VAL B 62 -21.15 -23.67 -11.39
C VAL B 62 -20.42 -24.96 -11.64
N GLU B 63 -21.18 -26.05 -11.60
CA GLU B 63 -20.66 -27.35 -11.91
C GLU B 63 -21.09 -27.67 -13.32
N ILE B 64 -20.14 -28.12 -14.14
CA ILE B 64 -20.49 -28.54 -15.47
C ILE B 64 -19.98 -29.92 -15.73
N GLN B 65 -20.67 -30.59 -16.65
CA GLN B 65 -20.20 -31.84 -17.25
C GLN B 65 -19.80 -31.48 -18.65
N THR B 66 -18.54 -31.71 -19.00
CA THR B 66 -18.06 -31.30 -20.30
C THR B 66 -17.27 -32.40 -20.98
N THR B 67 -17.42 -32.49 -22.30
CA THR B 67 -16.58 -33.33 -23.15
C THR B 67 -15.47 -32.51 -23.80
N LEU B 68 -15.38 -31.23 -23.46
CA LEU B 68 -14.36 -30.34 -24.03
C LEU B 68 -13.03 -30.54 -23.36
N THR B 69 -11.97 -30.19 -24.07
CA THR B 69 -10.66 -30.06 -23.45
C THR B 69 -10.71 -28.80 -22.64
N VAL B 70 -9.82 -28.70 -21.68
CA VAL B 70 -9.82 -27.53 -20.81
C VAL B 70 -9.54 -26.23 -21.59
N LEU B 71 -8.77 -26.33 -22.67
CA LEU B 71 -8.51 -25.16 -23.52
C LEU B 71 -9.75 -24.74 -24.28
N GLN B 72 -10.48 -25.70 -24.81
CA GLN B 72 -11.74 -25.40 -25.49
C GLN B 72 -12.71 -24.76 -24.50
N LEU B 73 -12.69 -25.26 -23.28
CA LEU B 73 -13.55 -24.72 -22.24
C LEU B 73 -13.20 -23.25 -21.92
N LEU B 74 -11.89 -22.96 -21.85
CA LEU B 74 -11.44 -21.59 -21.67
C LEU B 74 -11.97 -20.63 -22.75
N GLU B 75 -11.89 -21.05 -24.02
CA GLU B 75 -12.43 -20.21 -25.09
C GLU B 75 -13.93 -19.95 -24.90
N CYS B 76 -14.68 -20.97 -24.45
CA CYS B 76 -16.10 -20.80 -24.19
C CYS B 76 -16.37 -19.77 -23.08
N CYS B 77 -15.54 -19.81 -22.04
CA CYS B 77 -15.66 -18.87 -20.93
C CYS B 77 -15.41 -17.45 -21.37
N LEU B 78 -14.36 -17.27 -22.16
CA LEU B 78 -14.02 -15.92 -22.65
C LEU B 78 -15.00 -15.36 -23.68
N LYS B 79 -15.56 -16.24 -24.52
CA LYS B 79 -16.57 -15.83 -25.49
C LYS B 79 -17.83 -15.42 -24.78
N THR B 80 -18.06 -16.02 -23.61
CA THR B 80 -19.20 -15.66 -22.78
C THR B 80 -19.00 -14.30 -22.11
N GLU B 81 -17.82 -14.07 -21.54
CA GLU B 81 -17.47 -12.72 -21.04
C GLU B 81 -17.66 -11.67 -22.16
N GLU B 82 -17.10 -11.98 -23.32
CA GLU B 82 -17.15 -11.11 -24.50
C GLU B 82 -18.57 -10.81 -24.96
N CYS B 83 -19.36 -11.85 -25.03
CA CYS B 83 -20.73 -11.70 -25.45
C CYS B 83 -21.48 -10.71 -24.58
N LEU B 84 -21.51 -10.95 -23.27
CA LEU B 84 -22.24 -10.07 -22.35
C LEU B 84 -21.73 -8.65 -22.34
N HIS B 85 -20.42 -8.52 -22.43
CA HIS B 85 -19.83 -7.21 -22.47
C HIS B 85 -20.29 -6.41 -23.70
N ARG B 86 -20.11 -6.99 -24.87
CA ARG B 86 -20.45 -6.33 -26.15
C ARG B 86 -21.88 -5.80 -26.17
N ILE B 87 -22.78 -6.55 -25.55
CA ILE B 87 -24.22 -6.24 -25.57
C ILE B 87 -24.67 -5.26 -24.48
N ARG B 88 -23.77 -4.87 -23.57
CA ARG B 88 -24.05 -3.80 -22.58
C ARG B 88 -24.65 -2.54 -23.23
N LYS B 89 -25.48 -1.82 -22.52
CA LYS B 89 -26.11 -0.64 -23.06
C LYS B 89 -25.32 0.64 -22.91
N GLU B 90 -24.22 0.61 -22.20
CA GLU B 90 -23.35 1.79 -22.06
C GLU B 90 -22.25 1.76 -23.12
N ARG B 91 -21.95 2.93 -23.65
CA ARG B 91 -20.83 3.12 -24.59
C ARG B 91 -19.53 2.42 -24.19
N TRP B 92 -19.17 2.64 -22.94
CA TRP B 92 -18.01 2.02 -22.36
C TRP B 92 -18.27 1.93 -20.88
N GLY B 93 -17.50 1.09 -20.22
CA GLY B 93 -17.60 0.91 -18.78
C GLY B 93 -16.81 -0.30 -18.34
N PRO B 94 -16.79 -0.56 -17.02
CA PRO B 94 -15.99 -1.70 -16.54
C PRO B 94 -16.63 -2.99 -16.97
N ARG B 95 -15.85 -4.07 -17.04
CA ARG B 95 -16.42 -5.31 -17.58
C ARG B 95 -17.47 -5.89 -16.66
N THR B 96 -18.41 -6.57 -17.30
CA THR B 96 -19.66 -6.89 -16.63
C THR B 96 -19.56 -8.22 -15.92
N LEU B 97 -18.63 -9.07 -16.32
CA LEU B 97 -18.63 -10.47 -15.90
C LEU B 97 -17.27 -11.12 -15.98
N ASP B 98 -16.89 -11.82 -14.91
CA ASP B 98 -15.65 -12.63 -14.89
C ASP B 98 -16.07 -14.10 -14.78
N VAL B 99 -15.55 -14.90 -15.68
CA VAL B 99 -15.74 -16.35 -15.64
C VAL B 99 -14.38 -17.00 -15.52
N ASP B 100 -14.16 -17.61 -14.37
CA ASP B 100 -12.87 -18.22 -14.06
C ASP B 100 -13.04 -19.75 -13.95
N ILE B 101 -12.08 -20.50 -14.48
CA ILE B 101 -12.08 -21.93 -14.35
C ILE B 101 -11.41 -22.27 -13.04
N LEU B 102 -12.14 -22.95 -12.18
CA LEU B 102 -11.63 -23.27 -10.85
C LEU B 102 -11.00 -24.65 -10.79
N LEU B 103 -11.71 -25.62 -11.33
CA LEU B 103 -11.28 -26.99 -11.28
C LEU B 103 -11.70 -27.67 -12.54
N TYR B 104 -10.83 -28.54 -13.02
CA TYR B 104 -11.12 -29.37 -14.16
C TYR B 104 -10.70 -30.78 -13.78
N GLY B 105 -11.68 -31.63 -13.48
CA GLY B 105 -11.42 -32.96 -12.95
C GLY B 105 -10.54 -32.83 -11.73
N GLU B 106 -9.50 -33.68 -11.67
CA GLU B 106 -8.47 -33.57 -10.64
C GLU B 106 -7.13 -33.26 -11.28
N GLU B 107 -7.20 -32.47 -12.34
CA GLU B 107 -6.05 -32.21 -13.17
C GLU B 107 -5.40 -30.93 -12.73
N MET B 108 -4.09 -30.86 -12.95
CA MET B 108 -3.32 -29.64 -12.76
C MET B 108 -2.78 -29.23 -14.08
N ILE B 109 -2.93 -27.95 -14.41
CA ILE B 109 -2.53 -27.45 -15.71
C ILE B 109 -1.78 -26.15 -15.54
N ASP B 110 -0.60 -26.09 -16.15
CA ASP B 110 0.25 -24.90 -16.06
C ASP B 110 0.71 -24.48 -17.41
N LEU B 111 -0.07 -23.59 -17.99
CA LEU B 111 0.25 -22.93 -19.23
C LEU B 111 0.33 -21.45 -18.95
N PRO B 112 1.09 -20.70 -19.77
CA PRO B 112 1.07 -19.25 -19.65
C PRO B 112 -0.34 -18.66 -19.70
N LYS B 113 -1.20 -19.19 -20.58
CA LYS B 113 -2.55 -18.63 -20.74
C LYS B 113 -3.58 -19.25 -19.81
N LEU B 114 -3.18 -20.26 -19.03
CA LEU B 114 -4.15 -21.06 -18.23
C LEU B 114 -3.55 -21.77 -17.02
N SER B 115 -4.10 -21.50 -15.84
CA SER B 115 -3.71 -22.17 -14.60
C SER B 115 -4.91 -22.82 -13.95
N VAL B 116 -4.89 -24.15 -13.84
CA VAL B 116 -5.95 -24.86 -13.15
C VAL B 116 -5.32 -25.85 -12.23
N PRO B 117 -5.78 -25.94 -10.97
CA PRO B 117 -6.83 -25.15 -10.33
C PRO B 117 -6.47 -23.70 -10.26
N HIS B 118 -7.50 -22.86 -10.22
CA HIS B 118 -7.26 -21.44 -10.18
C HIS B 118 -6.33 -21.21 -8.99
N PRO B 119 -5.18 -20.57 -9.23
CA PRO B 119 -4.15 -20.44 -8.21
C PRO B 119 -4.44 -19.50 -7.05
N ARG B 120 -5.58 -18.85 -7.04
CA ARG B 120 -5.98 -17.99 -5.91
C ARG B 120 -7.29 -18.40 -5.23
N MET B 121 -7.91 -19.48 -5.67
CA MET B 121 -9.20 -19.89 -5.10
C MET B 121 -9.11 -20.15 -3.61
N ASN B 122 -8.00 -20.74 -3.19
CA ASN B 122 -7.84 -21.16 -1.80
C ASN B 122 -7.80 -20.02 -0.81
N GLU B 123 -7.45 -18.82 -1.28
CA GLU B 123 -7.42 -17.64 -0.43
C GLU B 123 -8.66 -16.73 -0.59
N ARG B 124 -9.70 -17.20 -1.27
CA ARG B 124 -10.88 -16.36 -1.55
C ARG B 124 -12.19 -16.97 -1.07
N ALA B 125 -12.79 -16.37 -0.05
CA ALA B 125 -14.02 -16.89 0.51
C ALA B 125 -15.18 -16.80 -0.46
N PHE B 126 -15.17 -15.76 -1.28
CA PHE B 126 -16.24 -15.54 -2.26
C PHE B 126 -16.20 -16.57 -3.37
N VAL B 127 -15.16 -17.38 -3.39
CA VAL B 127 -15.07 -18.55 -4.27
C VAL B 127 -15.36 -19.83 -3.50
N LEU B 128 -14.61 -20.03 -2.42
CA LEU B 128 -14.72 -21.26 -1.64
C LEU B 128 -16.10 -21.51 -1.03
N ILE B 129 -16.72 -20.46 -0.52
CA ILE B 129 -18.01 -20.63 0.13
C ILE B 129 -19.07 -21.14 -0.84
N PRO B 130 -19.28 -20.45 -1.98
CA PRO B 130 -20.24 -21.00 -2.92
C PRO B 130 -19.79 -22.33 -3.50
N LEU B 131 -18.50 -22.49 -3.76
CA LEU B 131 -18.00 -23.77 -4.26
C LEU B 131 -18.31 -24.94 -3.30
N ASN B 132 -18.16 -24.68 -2.01
CA ASN B 132 -18.44 -25.69 -0.98
C ASN B 132 -19.91 -26.12 -0.96
N ASP B 133 -20.81 -25.22 -1.37
CA ASP B 133 -22.24 -25.56 -1.47
C ASP B 133 -22.52 -26.64 -2.51
N ILE B 134 -21.66 -26.77 -3.52
CA ILE B 134 -21.88 -27.77 -4.59
C ILE B 134 -20.72 -28.73 -4.84
N ALA B 135 -19.63 -28.59 -4.10
CA ALA B 135 -18.44 -29.39 -4.39
C ALA B 135 -17.64 -29.71 -3.15
N ALA B 136 -18.33 -29.86 -2.04
CA ALA B 136 -17.69 -30.09 -0.76
C ALA B 136 -16.67 -31.22 -0.78
N ASN B 137 -16.96 -32.31 -1.50
CA ASN B 137 -16.08 -33.49 -1.50
C ASN B 137 -15.12 -33.61 -2.67
N VAL B 138 -15.02 -32.56 -3.46
CA VAL B 138 -14.07 -32.55 -4.55
C VAL B 138 -12.69 -32.18 -4.04
N VAL B 139 -11.67 -32.85 -4.58
CA VAL B 139 -10.30 -32.62 -4.17
C VAL B 139 -9.71 -31.52 -5.00
N GLU B 140 -9.05 -30.59 -4.34
CA GLU B 140 -8.22 -29.59 -4.97
C GLU B 140 -6.82 -30.21 -5.06
N PRO B 141 -6.34 -30.49 -6.28
CA PRO B 141 -5.12 -31.30 -6.45
C PRO B 141 -3.79 -30.69 -6.01
N ARG B 142 -3.67 -29.37 -5.93
CA ARG B 142 -2.40 -28.77 -5.46
C ARG B 142 -2.23 -28.97 -3.96
N SER B 143 -3.23 -28.58 -3.18
CA SER B 143 -3.19 -28.77 -1.73
C SER B 143 -3.49 -30.22 -1.34
N LYS B 144 -4.14 -30.96 -2.24
CA LYS B 144 -4.67 -32.30 -1.99
C LYS B 144 -5.73 -32.34 -0.88
N LEU B 145 -6.34 -31.18 -0.61
CA LEU B 145 -7.43 -31.11 0.34
C LEU B 145 -8.74 -31.02 -0.39
N LYS B 146 -9.79 -31.49 0.27
CA LYS B 146 -11.13 -31.30 -0.25
C LYS B 146 -11.56 -29.87 -0.04
N VAL B 147 -12.55 -29.46 -0.81
CA VAL B 147 -13.08 -28.13 -0.72
C VAL B 147 -13.56 -27.91 0.70
N LYS B 148 -14.33 -28.84 1.25
CA LYS B 148 -14.88 -28.66 2.59
C LYS B 148 -13.80 -28.51 3.67
N ASP B 149 -12.57 -28.93 3.37
CA ASP B 149 -11.41 -28.79 4.28
C ASP B 149 -10.71 -27.49 4.11
N LEU B 150 -11.00 -26.78 3.01
CA LEU B 150 -10.39 -25.46 2.72
C LEU B 150 -11.28 -24.27 3.09
N VAL B 151 -12.58 -24.46 2.98
CA VAL B 151 -13.53 -23.37 3.24
C VAL B 151 -13.40 -22.84 4.67
N PHE B 152 -13.48 -21.54 4.79
CA PHE B 152 -13.49 -20.87 6.08
C PHE B 152 -14.61 -19.86 6.17
N VAL B 153 -15.00 -19.55 7.39
CA VAL B 153 -16.04 -18.57 7.63
C VAL B 153 -15.52 -17.19 7.26
N ASP B 154 -16.35 -16.42 6.57
CA ASP B 154 -16.09 -15.00 6.34
C ASP B 154 -17.42 -14.24 6.31
N ASP B 155 -17.60 -13.34 7.28
CA ASP B 155 -18.87 -12.64 7.51
C ASP B 155 -19.17 -11.62 6.41
N SER B 156 -18.13 -11.17 5.70
CA SER B 156 -18.32 -10.21 4.62
C SER B 156 -18.98 -10.86 3.39
N VAL B 157 -19.10 -12.19 3.40
CA VAL B 157 -19.68 -12.89 2.29
C VAL B 157 -21.04 -13.38 2.72
N LYS B 158 -22.07 -12.75 2.17
CA LYS B 158 -23.44 -12.97 2.60
C LYS B 158 -24.25 -13.54 1.49
N ARG B 159 -25.26 -14.32 1.85
CA ARG B 159 -26.20 -14.82 0.87
C ARG B 159 -27.03 -13.70 0.32
N TYR B 160 -27.12 -13.62 -0.99
CA TYR B 160 -27.88 -12.52 -1.60
C TYR B 160 -29.36 -12.84 -1.64
N LYS B 161 -29.68 -14.10 -1.95
CA LYS B 161 -31.05 -14.55 -2.27
C LYS B 161 -31.12 -14.75 -3.80
N HIS C 3 9.87 -25.24 31.48
CA HIS C 3 8.94 -26.01 30.62
C HIS C 3 8.00 -25.03 29.85
N MET C 4 7.01 -25.58 29.16
CA MET C 4 6.35 -24.94 28.03
C MET C 4 5.32 -23.86 28.39
N ILE C 5 5.57 -22.66 27.90
CA ILE C 5 4.71 -21.51 28.16
C ILE C 5 4.06 -21.00 26.89
N GLN C 6 2.82 -20.59 27.00
CA GLN C 6 2.11 -19.99 25.87
C GLN C 6 2.25 -18.47 25.87
N ALA C 7 2.65 -17.92 24.73
CA ALA C 7 2.82 -16.47 24.56
C ALA C 7 2.24 -15.93 23.27
N TYR C 8 2.03 -14.62 23.25
CA TYR C 8 1.39 -13.96 22.13
C TYR C 8 2.24 -12.80 21.68
N LEU C 9 2.51 -12.75 20.38
CA LEU C 9 3.31 -11.68 19.81
C LEU C 9 2.51 -10.89 18.83
N GLY C 10 2.83 -9.60 18.74
CA GLY C 10 2.21 -8.68 17.79
C GLY C 10 3.24 -8.25 16.78
N LEU C 11 2.90 -8.35 15.50
CA LEU C 11 3.83 -8.02 14.44
C LEU C 11 3.25 -6.95 13.54
N GLY C 12 4.08 -6.00 13.14
CA GLY C 12 3.63 -4.91 12.31
C GLY C 12 4.67 -4.51 11.29
N SER C 13 4.21 -4.11 10.11
CA SER C 13 5.12 -3.66 9.06
C SER C 13 4.37 -2.76 8.13
N ASN C 14 4.99 -1.65 7.74
CA ASN C 14 4.41 -0.75 6.76
C ASN C 14 5.37 -0.32 5.67
N ILE C 15 6.25 -1.21 5.27
CA ILE C 15 7.23 -0.88 4.26
C ILE C 15 7.55 -2.09 3.37
N GLY C 16 7.78 -1.82 2.09
CA GLY C 16 8.10 -2.87 1.12
C GLY C 16 6.95 -3.83 0.92
N ASP C 17 7.27 -5.10 0.65
CA ASP C 17 6.25 -6.15 0.59
C ASP C 17 5.87 -6.54 2.03
N ARG C 18 4.94 -5.77 2.56
CA ARG C 18 4.58 -5.83 3.96
C ARG C 18 4.20 -7.25 4.37
N GLU C 19 3.40 -7.90 3.54
CA GLU C 19 2.93 -9.25 3.85
C GLU C 19 4.09 -10.23 3.95
N SER C 20 5.11 -10.07 3.10
CA SER C 20 6.26 -10.94 3.13
C SER C 20 7.04 -10.75 4.39
N GLN C 21 7.16 -9.50 4.82
CA GLN C 21 7.89 -9.16 6.04
C GLN C 21 7.31 -9.96 7.18
N LEU C 22 5.98 -9.93 7.30
CA LEU C 22 5.28 -10.58 8.37
C LEU C 22 5.44 -12.10 8.28
N ASN C 23 5.23 -12.65 7.10
CA ASN C 23 5.40 -14.08 6.87
C ASN C 23 6.82 -14.55 7.09
N ASP C 24 7.78 -13.69 6.78
CA ASP C 24 9.18 -14.04 6.99
C ASP C 24 9.56 -13.97 8.44
N ALA C 25 8.94 -13.06 9.18
CA ALA C 25 9.21 -12.95 10.61
C ALA C 25 8.73 -14.20 11.28
N ILE C 26 7.55 -14.65 10.89
CA ILE C 26 6.94 -15.85 11.48
C ILE C 26 7.79 -17.07 11.17
N LYS C 27 8.31 -17.11 9.96
CA LYS C 27 9.13 -18.20 9.51
C LYS C 27 10.38 -18.29 10.37
N ILE C 28 11.00 -17.14 10.61
CA ILE C 28 12.24 -17.07 11.38
C ILE C 28 11.99 -17.46 12.84
N LEU C 29 10.91 -16.94 13.40
CA LEU C 29 10.61 -17.17 14.79
C LEU C 29 10.36 -18.63 15.05
N ASN C 30 9.56 -19.22 14.18
CA ASN C 30 9.24 -20.62 14.24
C ASN C 30 10.47 -21.52 14.20
N GLU C 31 11.60 -20.97 13.74
CA GLU C 31 12.78 -21.81 13.55
C GLU C 31 13.85 -21.57 14.56
N TYR C 32 13.62 -20.69 15.52
CA TYR C 32 14.50 -20.65 16.69
C TYR C 32 14.28 -21.88 17.53
N ASP C 33 15.33 -22.29 18.22
CA ASP C 33 15.18 -23.36 19.19
C ASP C 33 14.42 -22.82 20.40
N GLY C 34 13.46 -23.62 20.87
CA GLY C 34 12.64 -23.26 22.02
C GLY C 34 11.38 -22.49 21.69
N ILE C 35 11.13 -22.27 20.40
CA ILE C 35 9.93 -21.57 19.96
C ILE C 35 9.23 -22.36 18.88
N SER C 36 7.92 -22.51 19.00
CA SER C 36 7.16 -23.01 17.90
C SER C 36 5.85 -22.22 17.79
N VAL C 37 5.46 -21.95 16.56
CA VAL C 37 4.28 -21.15 16.29
C VAL C 37 3.06 -22.05 16.19
N SER C 38 2.11 -21.85 17.09
CA SER C 38 0.92 -22.67 17.17
C SER C 38 -0.33 -22.01 16.60
N ASN C 39 -0.32 -20.70 16.38
CA ASN C 39 -1.47 -20.06 15.75
C ASN C 39 -1.16 -18.66 15.26
N ILE C 40 -1.97 -18.21 14.30
CA ILE C 40 -1.73 -16.95 13.59
C ILE C 40 -3.06 -16.29 13.28
N SER C 41 -3.16 -15.01 13.62
CA SER C 41 -4.36 -14.24 13.32
C SER C 41 -4.43 -13.93 11.84
N PRO C 42 -5.60 -13.52 11.36
CA PRO C 42 -5.67 -12.90 10.05
C PRO C 42 -4.93 -11.56 10.10
N ILE C 43 -4.58 -11.03 8.93
CA ILE C 43 -3.88 -9.75 8.85
C ILE C 43 -4.88 -8.62 8.75
N TYR C 44 -4.55 -7.52 9.40
CA TYR C 44 -5.38 -6.33 9.32
C TYR C 44 -4.58 -5.11 8.82
N GLU C 45 -5.25 -4.24 8.07
CA GLU C 45 -4.65 -3.03 7.53
C GLU C 45 -5.27 -1.82 8.22
N THR C 46 -4.43 -0.83 8.51
CA THR C 46 -4.77 0.30 9.39
C THR C 46 -4.27 1.62 8.80
N ALA C 47 -5.07 2.66 8.67
CA ALA C 47 -4.44 3.96 8.34
C ALA C 47 -3.37 4.27 9.43
N PRO C 48 -2.11 4.60 9.05
CA PRO C 48 -1.06 4.83 10.07
C PRO C 48 -1.31 6.07 10.93
N VAL C 49 -0.44 6.28 11.92
CA VAL C 49 -0.74 7.18 13.02
C VAL C 49 0.31 8.26 13.23
N GLY C 50 -0.08 9.52 12.99
CA GLY C 50 0.81 10.68 13.15
C GLY C 50 1.87 10.79 12.08
N TYR C 51 1.66 10.07 10.97
CA TYR C 51 2.62 9.99 9.87
C TYR C 51 1.96 10.40 8.55
N THR C 52 2.80 10.49 7.53
CA THR C 52 2.31 10.93 6.23
C THR C 52 3.15 10.36 5.11
N GLU C 53 2.51 10.00 4.01
CA GLU C 53 3.22 9.56 2.84
C GLU C 53 3.86 8.19 2.95
N GLN C 54 3.49 7.39 3.95
CA GLN C 54 3.96 6.00 4.04
C GLN C 54 2.78 5.08 3.85
N PRO C 55 3.03 3.87 3.33
CA PRO C 55 1.96 2.86 3.25
C PRO C 55 1.29 2.61 4.59
N ASN C 56 0.12 2.00 4.53
CA ASN C 56 -0.56 1.57 5.73
C ASN C 56 0.13 0.39 6.40
N PHE C 57 -0.03 0.29 7.72
CA PHE C 57 0.46 -0.86 8.44
C PHE C 57 -0.35 -2.10 8.14
N LEU C 58 0.35 -3.22 8.03
CA LEU C 58 -0.24 -4.53 8.23
C LEU C 58 0.19 -5.02 9.61
N ASN C 59 -0.76 -5.62 10.32
CA ASN C 59 -0.51 -6.17 11.63
C ASN C 59 -1.12 -7.54 11.76
N LEU C 60 -0.53 -8.36 12.60
CA LEU C 60 -1.17 -9.60 12.97
C LEU C 60 -0.67 -10.03 14.33
N CYS C 61 -1.28 -11.07 14.86
CA CYS C 61 -0.86 -11.63 16.14
C CYS C 61 -0.50 -13.10 15.98
N VAL C 62 0.40 -13.57 16.84
CA VAL C 62 0.96 -14.88 16.73
C VAL C 62 0.98 -15.52 18.09
N GLU C 63 0.55 -16.76 18.14
CA GLU C 63 0.57 -17.54 19.34
C GLU C 63 1.76 -18.45 19.23
N ILE C 64 2.56 -18.52 20.28
CA ILE C 64 3.68 -19.44 20.29
C ILE C 64 3.66 -20.29 21.53
N GLN C 65 4.29 -21.45 21.41
CA GLN C 65 4.60 -22.32 22.54
C GLN C 65 6.10 -22.25 22.68
N THR C 66 6.57 -21.80 23.84
CA THR C 66 8.01 -21.58 24.03
C THR C 66 8.51 -22.16 25.35
N THR C 67 9.73 -22.69 25.31
CA THR C 67 10.46 -23.12 26.52
C THR C 67 11.47 -22.04 26.95
N LEU C 68 11.47 -20.91 26.25
CA LEU C 68 12.38 -19.81 26.57
C LEU C 68 11.86 -18.99 27.71
N THR C 69 12.78 -18.34 28.38
CA THR C 69 12.39 -17.32 29.36
C THR C 69 11.93 -16.15 28.56
N VAL C 70 11.16 -15.28 29.19
CA VAL C 70 10.62 -14.12 28.49
C VAL C 70 11.74 -13.22 27.99
N LEU C 71 12.86 -13.17 28.71
CA LEU C 71 14.02 -12.38 28.25
C LEU C 71 14.72 -12.98 27.04
N GLN C 72 14.89 -14.29 27.03
CA GLN C 72 15.41 -14.97 25.84
C GLN C 72 14.47 -14.78 24.63
N LEU C 73 13.17 -14.79 24.90
CA LEU C 73 12.18 -14.56 23.85
C LEU C 73 12.31 -13.16 23.27
N LEU C 74 12.51 -12.17 24.14
CA LEU C 74 12.77 -10.81 23.70
C LEU C 74 13.96 -10.71 22.74
N GLU C 75 15.07 -11.38 23.07
CA GLU C 75 16.24 -11.36 22.20
C GLU C 75 15.93 -11.97 20.84
N CYS C 76 15.15 -13.04 20.81
CA CYS C 76 14.72 -13.63 19.54
C CYS C 76 13.89 -12.67 18.69
N CYS C 77 13.01 -11.93 19.34
CA CYS C 77 12.16 -10.95 18.66
C CYS C 77 12.99 -9.85 18.06
N LEU C 78 13.94 -9.33 18.83
CA LEU C 78 14.83 -8.25 18.36
C LEU C 78 15.82 -8.69 17.27
N LYS C 79 16.30 -9.92 17.34
CA LYS C 79 17.17 -10.44 16.31
C LYS C 79 16.39 -10.62 15.02
N THR C 80 15.12 -10.90 15.15
CA THR C 80 14.26 -11.06 13.99
C THR C 80 13.98 -9.71 13.34
N GLU C 81 13.67 -8.70 14.15
CA GLU C 81 13.57 -7.32 13.63
C GLU C 81 14.83 -6.96 12.91
N GLU C 82 15.95 -7.16 13.59
CA GLU C 82 17.26 -6.81 13.08
C GLU C 82 17.57 -7.49 11.76
N CYS C 83 17.32 -8.78 11.71
CA CYS C 83 17.60 -9.56 10.52
C CYS C 83 16.86 -8.99 9.30
N LEU C 84 15.54 -8.88 9.38
CA LEU C 84 14.77 -8.36 8.25
C LEU C 84 15.09 -6.94 7.87
N HIS C 85 15.36 -6.11 8.85
CA HIS C 85 15.72 -4.73 8.59
C HIS C 85 17.01 -4.65 7.77
N ARG C 86 18.07 -5.31 8.26
CA ARG C 86 19.37 -5.27 7.61
C ARG C 86 19.30 -5.66 6.14
N ILE C 87 18.46 -6.62 5.84
CA ILE C 87 18.39 -7.20 4.51
C ILE C 87 17.36 -6.54 3.60
N ARG C 88 16.47 -5.73 4.14
CA ARG C 88 15.27 -5.30 3.40
C ARG C 88 15.19 -3.80 3.32
N LYS C 89 15.57 -3.12 4.39
CA LYS C 89 15.65 -1.65 4.35
C LYS C 89 16.29 -1.16 3.06
N GLU C 90 15.98 0.08 2.69
CA GLU C 90 16.73 0.77 1.62
C GLU C 90 17.87 1.53 2.28
N ARG C 91 18.64 2.32 1.53
CA ARG C 91 19.80 3.00 2.11
C ARG C 91 19.44 3.65 3.44
N TRP C 92 18.20 4.11 3.52
CA TRP C 92 17.62 4.56 4.77
C TRP C 92 16.13 4.52 4.63
N GLY C 93 15.45 4.60 5.77
CA GLY C 93 13.99 4.61 5.78
C GLY C 93 13.51 4.14 7.12
N PRO C 94 12.18 4.10 7.31
CA PRO C 94 11.66 3.62 8.58
C PRO C 94 11.94 2.13 8.76
N ARG C 95 11.89 1.66 9.99
CA ARG C 95 12.12 0.24 10.18
C ARG C 95 11.01 -0.64 9.59
N THR C 96 11.43 -1.83 9.25
CA THR C 96 10.72 -2.74 8.41
C THR C 96 9.64 -3.51 9.15
N LEU C 97 9.90 -3.76 10.42
CA LEU C 97 9.12 -4.72 11.18
C LEU C 97 9.23 -4.43 12.66
N ASP C 98 8.09 -4.42 13.34
CA ASP C 98 8.02 -4.37 14.80
C ASP C 98 7.48 -5.71 15.32
N VAL C 99 8.20 -6.31 16.25
CA VAL C 99 7.78 -7.51 16.95
C VAL C 99 7.68 -7.19 18.43
N ASP C 100 6.46 -7.18 18.93
CA ASP C 100 6.19 -6.81 20.31
C ASP C 100 5.66 -8.03 21.05
N ILE C 101 6.09 -8.20 22.29
CA ILE C 101 5.57 -9.26 23.13
C ILE C 101 4.33 -8.76 23.85
N LEU C 102 3.21 -9.43 23.62
CA LEU C 102 1.93 -8.96 24.14
C LEU C 102 1.61 -9.60 25.46
N LEU C 103 1.77 -10.92 25.50
CA LEU C 103 1.40 -11.71 26.65
C LEU C 103 2.37 -12.87 26.76
N TYR C 104 2.72 -13.19 27.99
CA TYR C 104 3.57 -14.33 28.29
C TYR C 104 2.95 -15.07 29.46
N GLY C 105 2.33 -16.21 29.16
CA GLY C 105 1.49 -16.91 30.13
C GLY C 105 0.44 -15.95 30.66
N GLU C 106 0.25 -15.94 31.98
CA GLU C 106 -0.59 -14.93 32.66
C GLU C 106 0.29 -14.11 33.60
N GLU C 107 1.52 -13.88 33.16
CA GLU C 107 2.52 -13.24 33.98
C GLU C 107 2.52 -11.75 33.72
N MET C 108 2.92 -11.02 34.74
CA MET C 108 3.17 -9.59 34.66
C MET C 108 4.63 -9.34 34.92
N ILE C 109 5.26 -8.54 34.07
CA ILE C 109 6.68 -8.33 34.14
C ILE C 109 6.95 -6.84 33.98
N ASP C 110 7.70 -6.29 34.93
CA ASP C 110 8.09 -4.88 34.88
C ASP C 110 9.57 -4.77 35.09
N LEU C 111 10.28 -4.74 33.97
CA LEU C 111 11.69 -4.44 33.90
C LEU C 111 11.85 -3.16 33.09
N PRO C 112 12.95 -2.43 33.34
CA PRO C 112 13.25 -1.28 32.47
C PRO C 112 13.26 -1.64 30.98
N LYS C 113 13.82 -2.80 30.62
CA LYS C 113 13.88 -3.20 29.19
C LYS C 113 12.68 -3.99 28.67
N LEU C 114 11.73 -4.31 29.53
CA LEU C 114 10.64 -5.21 29.18
C LEU C 114 9.39 -5.06 30.03
N SER C 115 8.26 -4.84 29.37
CA SER C 115 6.99 -4.69 30.06
C SER C 115 5.93 -5.62 29.43
N VAL C 116 5.46 -6.59 30.21
CA VAL C 116 4.49 -7.56 29.74
C VAL C 116 3.42 -7.71 30.79
N PRO C 117 2.14 -7.66 30.41
CA PRO C 117 1.60 -7.46 29.07
C PRO C 117 1.98 -6.13 28.49
N HIS C 118 2.02 -6.06 27.19
CA HIS C 118 2.41 -4.84 26.55
C HIS C 118 1.49 -3.78 27.10
N PRO C 119 2.07 -2.71 27.66
CA PRO C 119 1.27 -1.71 28.38
C PRO C 119 0.37 -0.81 27.53
N ARG C 120 0.37 -0.97 26.22
CA ARG C 120 -0.51 -0.18 25.35
C ARG C 120 -1.44 -1.03 24.49
N MET C 121 -1.40 -2.35 24.65
CA MET C 121 -2.26 -3.23 23.82
C MET C 121 -3.74 -2.94 23.99
N ASN C 122 -4.14 -2.61 25.20
CA ASN C 122 -5.56 -2.38 25.51
C ASN C 122 -6.17 -1.19 24.82
N GLU C 123 -5.33 -0.23 24.44
CA GLU C 123 -5.81 0.97 23.75
C GLU C 123 -5.60 0.92 22.22
N ARG C 124 -5.24 -0.25 21.68
CA ARG C 124 -4.91 -0.38 20.25
C ARG C 124 -5.74 -1.45 19.55
N ALA C 125 -6.61 -1.01 18.67
CA ALA C 125 -7.50 -1.94 17.94
C ALA C 125 -6.73 -2.83 16.96
N PHE C 126 -5.66 -2.27 16.40
CA PHE C 126 -4.82 -3.03 15.47
C PHE C 126 -4.03 -4.16 16.16
N VAL C 127 -4.08 -4.20 17.48
CA VAL C 127 -3.55 -5.30 18.25
C VAL C 127 -4.68 -6.19 18.73
N LEU C 128 -5.67 -5.59 19.39
CA LEU C 128 -6.75 -6.34 20.01
C LEU C 128 -7.58 -7.13 19.02
N ILE C 129 -7.87 -6.52 17.88
CA ILE C 129 -8.76 -7.16 16.93
C ILE C 129 -8.13 -8.47 16.43
N PRO C 130 -6.88 -8.41 15.92
CA PRO C 130 -6.27 -9.68 15.51
C PRO C 130 -6.04 -10.64 16.69
N LEU C 131 -5.65 -10.10 17.84
CA LEU C 131 -5.42 -10.95 19.01
C LEU C 131 -6.69 -11.71 19.39
N ASN C 132 -7.83 -11.03 19.27
CA ASN C 132 -9.12 -11.62 19.60
C ASN C 132 -9.46 -12.79 18.69
N ASP C 133 -8.96 -12.75 17.47
CA ASP C 133 -9.16 -13.87 16.54
C ASP C 133 -8.51 -15.19 16.99
N ILE C 134 -7.45 -15.11 17.80
CA ILE C 134 -6.72 -16.32 18.27
C ILE C 134 -6.57 -16.45 19.79
N ALA C 135 -7.08 -15.50 20.55
CA ALA C 135 -6.88 -15.53 22.00
C ALA C 135 -8.05 -14.93 22.75
N ALA C 136 -9.25 -15.09 22.22
CA ALA C 136 -10.45 -14.48 22.78
C ALA C 136 -10.63 -14.75 24.27
N ASN C 137 -10.28 -15.96 24.71
CA ASN C 137 -10.49 -16.33 26.13
C ASN C 137 -9.27 -16.24 27.03
N VAL C 138 -8.20 -15.64 26.53
CA VAL C 138 -7.01 -15.44 27.34
C VAL C 138 -7.24 -14.20 28.21
N VAL C 139 -6.77 -14.28 29.44
CA VAL C 139 -6.90 -13.18 30.37
C VAL C 139 -5.71 -12.27 30.21
N GLU C 140 -5.99 -10.97 30.16
CA GLU C 140 -4.97 -9.95 30.28
C GLU C 140 -4.85 -9.65 31.77
N PRO C 141 -3.68 -9.98 32.38
CA PRO C 141 -3.57 -9.94 33.85
C PRO C 141 -3.65 -8.57 34.54
N ARG C 142 -3.35 -7.48 33.85
CA ARG C 142 -3.43 -6.16 34.49
C ARG C 142 -4.89 -5.74 34.66
N SER C 143 -5.67 -5.76 33.58
CA SER C 143 -7.10 -5.43 33.64
C SER C 143 -7.94 -6.55 34.21
N LYS C 144 -7.39 -7.76 34.17
CA LYS C 144 -8.08 -9.00 34.55
C LYS C 144 -9.31 -9.26 33.69
N LEU C 145 -9.34 -8.65 32.51
CA LEU C 145 -10.37 -8.96 31.51
C LEU C 145 -9.83 -9.87 30.44
N LYS C 146 -10.74 -10.63 29.85
CA LYS C 146 -10.39 -11.44 28.72
C LYS C 146 -10.26 -10.56 27.50
N VAL C 147 -9.54 -11.07 26.52
CA VAL C 147 -9.31 -10.33 25.31
C VAL C 147 -10.66 -9.99 24.71
N LYS C 148 -11.55 -10.98 24.62
CA LYS C 148 -12.87 -10.75 23.98
C LYS C 148 -13.71 -9.69 24.70
N ASP C 149 -13.38 -9.40 25.95
CA ASP C 149 -14.03 -8.34 26.73
C ASP C 149 -13.40 -6.97 26.51
N LEU C 150 -12.19 -6.93 25.93
CA LEU C 150 -11.45 -5.68 25.71
C LEU C 150 -11.57 -5.18 24.30
N VAL C 151 -11.74 -6.11 23.37
CA VAL C 151 -11.81 -5.74 21.97
C VAL C 151 -12.99 -4.79 21.72
N PHE C 152 -12.74 -3.78 20.90
CA PHE C 152 -13.77 -2.83 20.51
C PHE C 152 -13.72 -2.57 19.01
N VAL C 153 -14.83 -2.05 18.51
CA VAL C 153 -14.96 -1.74 17.09
C VAL C 153 -14.09 -0.55 16.75
N ASP C 154 -13.37 -0.66 15.64
CA ASP C 154 -12.67 0.48 15.05
C ASP C 154 -12.63 0.34 13.52
N ASP C 155 -13.26 1.28 12.85
CA ASP C 155 -13.50 1.21 11.41
C ASP C 155 -12.23 1.43 10.61
N SER C 156 -11.24 2.06 11.22
CA SER C 156 -9.95 2.27 10.57
C SER C 156 -9.12 0.97 10.45
N VAL C 157 -9.57 -0.10 11.09
CA VAL C 157 -8.90 -1.39 11.03
C VAL C 157 -9.69 -2.37 10.18
N LYS C 158 -9.15 -2.70 9.01
CA LYS C 158 -9.83 -3.53 8.01
C LYS C 158 -9.09 -4.83 7.77
N ARG C 159 -9.84 -5.87 7.44
CA ARG C 159 -9.22 -7.10 7.00
C ARG C 159 -8.46 -6.90 5.71
N TYR C 160 -7.27 -7.46 5.64
CA TYR C 160 -6.46 -7.43 4.44
C TYR C 160 -6.46 -8.81 3.84
N HIS D 3 23.74 4.05 25.15
CA HIS D 3 22.83 3.25 24.28
C HIS D 3 21.89 4.19 23.48
N MET D 4 20.90 3.63 22.78
CA MET D 4 20.25 4.25 21.63
C MET D 4 19.23 5.34 21.94
N ILE D 5 19.49 6.54 21.41
CA ILE D 5 18.66 7.71 21.65
C ILE D 5 18.02 8.20 20.36
N GLN D 6 16.77 8.63 20.46
CA GLN D 6 16.07 9.17 19.32
C GLN D 6 16.19 10.68 19.28
N ALA D 7 16.59 11.20 18.12
CA ALA D 7 16.79 12.65 17.93
C ALA D 7 16.22 13.14 16.61
N TYR D 8 16.03 14.45 16.56
CA TYR D 8 15.40 15.08 15.43
C TYR D 8 16.25 16.23 14.96
N LEU D 9 16.51 16.25 13.65
CA LEU D 9 17.29 17.30 13.06
C LEU D 9 16.49 18.08 12.07
N GLY D 10 16.81 19.36 11.94
CA GLY D 10 16.18 20.26 10.97
C GLY D 10 17.21 20.66 9.95
N LEU D 11 16.85 20.53 8.68
CA LEU D 11 17.76 20.83 7.60
C LEU D 11 17.17 21.89 6.71
N GLY D 12 18.01 22.82 6.27
CA GLY D 12 17.56 23.88 5.39
C GLY D 12 18.58 24.25 4.34
N SER D 13 18.11 24.62 3.17
CA SER D 13 19.00 25.03 2.09
C SER D 13 18.25 25.92 1.15
N ASN D 14 18.87 27.00 0.75
CA ASN D 14 18.28 27.90 -0.24
C ASN D 14 19.23 28.26 -1.37
N ILE D 15 20.11 27.34 -1.74
CA ILE D 15 21.12 27.61 -2.74
C ILE D 15 21.37 26.42 -3.63
N GLY D 16 21.59 26.67 -4.91
CA GLY D 16 21.90 25.60 -5.86
C GLY D 16 20.72 24.65 -6.00
N ASP D 17 21.04 23.37 -6.25
CA ASP D 17 20.00 22.35 -6.29
C ASP D 17 19.66 21.99 -4.85
N ARG D 18 18.74 22.79 -4.32
CA ARG D 18 18.37 22.75 -2.91
C ARG D 18 17.97 21.35 -2.46
N GLU D 19 17.15 20.68 -3.26
CA GLU D 19 16.71 19.34 -2.93
C GLU D 19 17.87 18.34 -2.83
N SER D 20 18.87 18.49 -3.69
CA SER D 20 20.03 17.59 -3.66
C SER D 20 20.81 17.80 -2.39
N GLN D 21 20.93 19.07 -2.00
CA GLN D 21 21.70 19.43 -0.82
C GLN D 21 21.14 18.67 0.36
N LEU D 22 19.82 18.73 0.48
CA LEU D 22 19.13 18.09 1.59
C LEU D 22 19.26 16.57 1.54
N ASN D 23 19.04 15.99 0.37
CA ASN D 23 19.22 14.55 0.17
C ASN D 23 20.66 14.09 0.38
N ASP D 24 21.61 14.93 0.03
CA ASP D 24 23.02 14.59 0.24
C ASP D 24 23.41 14.70 1.70
N ALA D 25 22.79 15.63 2.41
CA ALA D 25 23.09 15.79 3.83
C ALA D 25 22.64 14.55 4.56
N ILE D 26 21.46 14.09 4.19
CA ILE D 26 20.87 12.93 4.83
C ILE D 26 21.73 11.70 4.54
N LYS D 27 22.23 11.64 3.32
CA LYS D 27 23.05 10.53 2.89
C LYS D 27 24.32 10.45 3.73
N ILE D 28 24.93 11.61 3.94
CA ILE D 28 26.16 11.70 4.72
C ILE D 28 25.94 11.36 6.17
N LEU D 29 24.88 11.90 6.74
CA LEU D 29 24.58 11.69 8.14
C LEU D 29 24.34 10.22 8.42
N ASN D 30 23.55 9.61 7.56
CA ASN D 30 23.23 8.21 7.68
C ASN D 30 24.44 7.32 7.63
N GLU D 31 25.55 7.87 7.15
CA GLU D 31 26.75 7.10 6.92
C GLU D 31 27.78 7.28 7.99
N TYR D 32 27.54 8.14 8.97
CA TYR D 32 28.41 8.17 10.13
C TYR D 32 28.18 6.94 10.98
N ASP D 33 29.22 6.52 11.69
CA ASP D 33 29.05 5.47 12.68
C ASP D 33 28.33 6.05 13.89
N GLY D 34 27.37 5.29 14.40
CA GLY D 34 26.56 5.70 15.55
C GLY D 34 25.31 6.49 15.20
N ILE D 35 25.05 6.67 13.92
CA ILE D 35 23.87 7.37 13.46
C ILE D 35 23.19 6.53 12.40
N SER D 36 21.89 6.40 12.52
CA SER D 36 21.13 5.89 11.40
C SER D 36 19.83 6.71 11.28
N VAL D 37 19.44 6.96 10.04
CA VAL D 37 18.25 7.74 9.75
C VAL D 37 17.03 6.84 9.67
N SER D 38 16.09 7.08 10.57
CA SER D 38 14.88 6.25 10.67
C SER D 38 13.64 6.88 10.08
N ASN D 39 13.66 8.18 9.83
CA ASN D 39 12.50 8.82 9.19
C ASN D 39 12.80 10.22 8.67
N ILE D 40 12.00 10.65 7.71
CA ILE D 40 12.23 11.90 6.97
C ILE D 40 10.91 12.55 6.64
N SER D 41 10.80 13.84 6.95
CA SER D 41 9.60 14.59 6.66
C SER D 41 9.51 14.88 5.18
N PRO D 42 8.33 15.27 4.71
CA PRO D 42 8.26 15.85 3.39
C PRO D 42 8.98 17.18 3.39
N ILE D 43 9.32 17.68 2.20
CA ILE D 43 10.01 18.95 2.09
C ILE D 43 9.02 20.10 1.99
N TYR D 44 9.36 21.22 2.60
CA TYR D 44 8.54 22.42 2.51
C TYR D 44 9.32 23.63 2.00
N GLU D 45 8.64 24.48 1.24
CA GLU D 45 9.23 25.68 0.67
C GLU D 45 8.62 26.89 1.34
N THR D 46 9.47 27.88 1.61
CA THR D 46 9.12 29.00 2.45
C THR D 46 9.56 30.27 1.75
N ALA D 47 8.58 31.11 1.45
CA ALA D 47 8.80 32.40 0.85
C ALA D 47 9.17 33.35 1.99
N PRO D 48 10.37 33.97 1.94
CA PRO D 48 10.50 34.99 2.98
C PRO D 48 9.59 36.18 2.67
N VAL D 49 9.46 37.10 3.62
CA VAL D 49 8.80 38.35 3.30
C VAL D 49 9.83 39.30 2.71
N GLY D 50 11.08 39.16 3.17
CA GLY D 50 12.16 40.04 2.75
C GLY D 50 12.47 39.96 1.26
N TYR D 51 13.37 40.85 0.85
CA TYR D 51 13.99 40.77 -0.46
C TYR D 51 15.42 40.36 -0.24
N THR D 52 15.82 39.28 -0.91
CA THR D 52 17.15 38.67 -0.73
C THR D 52 17.91 38.47 -2.04
N GLU D 53 17.21 38.51 -3.17
CA GLU D 53 17.76 38.07 -4.43
C GLU D 53 18.16 36.62 -4.40
N GLN D 54 17.70 35.89 -3.39
CA GLN D 54 18.06 34.49 -3.27
C GLN D 54 16.82 33.62 -3.35
N PRO D 55 17.00 32.38 -3.79
CA PRO D 55 15.89 31.43 -3.81
C PRO D 55 15.23 31.24 -2.44
N ASN D 56 14.03 30.67 -2.45
CA ASN D 56 13.38 30.28 -1.22
C ASN D 56 14.07 29.11 -0.55
N PHE D 57 13.94 29.03 0.77
CA PHE D 57 14.38 27.88 1.51
C PHE D 57 13.54 26.63 1.25
N LEU D 58 14.23 25.50 1.15
CA LEU D 58 13.62 24.19 1.36
C LEU D 58 14.08 23.72 2.73
N ASN D 59 13.15 23.13 3.46
CA ASN D 59 13.41 22.62 4.79
C ASN D 59 12.78 21.26 4.96
N LEU D 60 13.38 20.44 5.80
CA LEU D 60 12.76 19.21 6.20
C LEU D 60 13.26 18.83 7.57
N CYS D 61 12.67 17.79 8.13
CA CYS D 61 13.10 17.25 9.41
C CYS D 61 13.45 15.79 9.29
N VAL D 62 14.33 15.35 10.16
CA VAL D 62 14.91 14.03 10.08
C VAL D 62 14.94 13.42 11.44
N GLU D 63 14.52 12.17 11.50
CA GLU D 63 14.56 11.42 12.73
C GLU D 63 15.73 10.52 12.64
N ILE D 64 16.54 10.50 13.68
CA ILE D 64 17.66 9.57 13.71
C ILE D 64 17.62 8.74 14.97
N GLN D 65 18.23 7.57 14.88
CA GLN D 65 18.54 6.73 16.04
C GLN D 65 20.05 6.79 16.18
N THR D 66 20.52 7.26 17.33
CA THR D 66 21.95 7.47 17.51
C THR D 66 22.44 6.94 18.84
N THR D 67 23.66 6.41 18.84
CA THR D 67 24.36 6.03 20.07
C THR D 67 25.34 7.11 20.47
N LEU D 68 25.38 8.22 19.73
CA LEU D 68 26.33 9.29 19.99
C LEU D 68 25.83 10.13 21.14
N THR D 69 26.76 10.80 21.80
CA THR D 69 26.40 11.86 22.72
C THR D 69 25.92 13.02 21.88
N VAL D 70 25.17 13.92 22.48
CA VAL D 70 24.64 15.05 21.75
C VAL D 70 25.76 15.95 21.22
N LEU D 71 26.89 16.00 21.92
CA LEU D 71 28.03 16.78 21.44
C LEU D 71 28.71 16.14 20.23
N GLN D 72 28.86 14.83 20.25
CA GLN D 72 29.37 14.11 19.08
C GLN D 72 28.44 14.29 17.88
N LEU D 73 27.15 14.28 18.15
CA LEU D 73 26.15 14.49 17.12
C LEU D 73 26.29 15.89 16.48
N LEU D 74 26.51 16.90 17.33
CA LEU D 74 26.78 18.26 16.85
C LEU D 74 27.97 18.34 15.89
N GLU D 75 29.07 17.68 16.24
CA GLU D 75 30.23 17.67 15.34
C GLU D 75 29.89 17.03 14.00
N CYS D 76 29.10 15.95 14.01
CA CYS D 76 28.67 15.32 12.77
C CYS D 76 27.84 16.25 11.89
N CYS D 77 26.95 17.01 12.53
CA CYS D 77 26.12 17.98 11.83
C CYS D 77 26.96 19.08 11.18
N LEU D 78 27.92 19.62 11.93
CA LEU D 78 28.79 20.69 11.40
C LEU D 78 29.75 20.21 10.30
N LYS D 79 30.23 18.98 10.42
CA LYS D 79 31.10 18.41 9.39
C LYS D 79 30.33 18.20 8.11
N THR D 80 29.03 17.93 8.27
CA THR D 80 28.15 17.75 7.12
C THR D 80 27.89 19.08 6.43
N GLU D 81 27.57 20.12 7.21
CA GLU D 81 27.48 21.48 6.65
C GLU D 81 28.75 21.83 5.89
N GLU D 82 29.89 21.63 6.56
CA GLU D 82 31.22 21.93 6.00
C GLU D 82 31.48 21.19 4.68
N CYS D 83 31.18 19.91 4.69
CA CYS D 83 31.43 19.10 3.52
C CYS D 83 30.68 19.63 2.29
N LEU D 84 29.37 19.77 2.41
CA LEU D 84 28.59 20.27 1.27
C LEU D 84 28.92 21.69 0.83
N HIS D 85 29.24 22.54 1.78
CA HIS D 85 29.62 23.90 1.45
C HIS D 85 30.88 23.90 0.58
N ARG D 86 31.92 23.21 1.05
CA ARG D 86 33.22 23.20 0.38
C ARG D 86 33.13 22.77 -1.06
N ILE D 87 32.23 21.83 -1.32
CA ILE D 87 32.05 21.26 -2.65
C ILE D 87 31.08 22.02 -3.57
N ARG D 88 30.43 23.06 -3.09
CA ARG D 88 29.66 24.02 -3.94
C ARG D 88 30.41 24.50 -5.19
N LYS D 89 29.69 24.80 -6.28
CA LYS D 89 30.30 25.28 -7.55
C LYS D 89 30.66 26.78 -7.63
N GLU D 90 30.23 27.60 -6.65
CA GLU D 90 30.59 29.02 -6.62
C GLU D 90 31.83 29.26 -5.76
N ARG D 91 32.72 30.13 -6.25
CA ARG D 91 33.92 30.56 -5.54
C ARG D 91 33.63 31.10 -4.17
N TRP D 92 32.54 31.84 -4.07
CA TRP D 92 32.03 32.31 -2.80
C TRP D 92 30.56 32.48 -2.95
N GLY D 93 29.88 32.51 -1.82
CA GLY D 93 28.45 32.69 -1.79
C GLY D 93 27.89 32.33 -0.44
N PRO D 94 26.58 32.50 -0.28
CA PRO D 94 25.97 32.20 1.00
C PRO D 94 26.02 30.70 1.29
N ARG D 95 25.89 30.36 2.55
CA ARG D 95 25.98 29.02 3.03
C ARG D 95 24.94 28.10 2.42
N THR D 96 25.35 26.87 2.16
CA THR D 96 24.60 25.93 1.35
C THR D 96 23.51 25.18 2.12
N LEU D 97 23.78 24.96 3.40
CA LEU D 97 23.02 24.02 4.19
C LEU D 97 23.16 24.33 5.67
N ASP D 98 22.01 24.37 6.36
CA ASP D 98 21.99 24.48 7.81
C ASP D 98 21.44 23.16 8.37
N VAL D 99 22.17 22.59 9.31
CA VAL D 99 21.74 21.41 10.05
C VAL D 99 21.66 21.79 11.51
N ASP D 100 20.45 21.80 12.02
CA ASP D 100 20.20 22.20 13.40
C ASP D 100 19.66 20.99 14.19
N ILE D 101 20.11 20.85 15.43
CA ILE D 101 19.59 19.81 16.30
C ILE D 101 18.35 20.35 16.99
N LEU D 102 17.23 19.67 16.80
CA LEU D 102 15.96 20.14 17.30
C LEU D 102 15.65 19.53 18.65
N LEU D 103 15.81 18.21 18.73
CA LEU D 103 15.45 17.46 19.90
C LEU D 103 16.41 16.32 20.03
N TYR D 104 16.77 16.03 21.27
CA TYR D 104 17.63 14.90 21.59
C TYR D 104 16.98 14.18 22.77
N GLY D 105 16.34 13.06 22.50
CA GLY D 105 15.51 12.39 23.50
C GLY D 105 14.49 13.38 24.04
N GLU D 106 14.34 13.41 25.36
CA GLU D 106 13.52 14.43 26.04
C GLU D 106 14.41 15.27 26.94
N GLU D 107 15.63 15.47 26.48
CA GLU D 107 16.64 16.14 27.27
C GLU D 107 16.67 17.61 26.96
N MET D 108 17.08 18.37 27.97
CA MET D 108 17.31 19.80 27.83
C MET D 108 18.77 20.06 28.09
N ILE D 109 19.38 20.83 27.20
CA ILE D 109 20.82 21.05 27.26
C ILE D 109 21.09 22.52 27.04
N ASP D 110 21.85 23.11 27.96
CA ASP D 110 22.24 24.52 27.86
C ASP D 110 23.74 24.63 28.05
N LEU D 111 24.43 24.63 26.93
CA LEU D 111 25.84 24.91 26.86
C LEU D 111 26.02 26.15 26.02
N PRO D 112 27.14 26.87 26.22
CA PRO D 112 27.46 27.96 25.31
C PRO D 112 27.45 27.55 23.82
N LYS D 113 27.98 26.38 23.51
CA LYS D 113 28.05 25.93 22.10
C LYS D 113 26.79 25.19 21.61
N LEU D 114 25.84 24.92 22.50
CA LEU D 114 24.74 24.02 22.16
C LEU D 114 23.50 24.22 23.02
N SER D 115 22.35 24.41 22.37
CA SER D 115 21.09 24.58 23.06
C SER D 115 20.02 23.62 22.47
N VAL D 116 19.56 22.67 23.28
CA VAL D 116 18.58 21.68 22.85
C VAL D 116 17.52 21.57 23.90
N PRO D 117 16.22 21.60 23.53
CA PRO D 117 15.67 21.77 22.20
C PRO D 117 16.04 23.10 21.59
N HIS D 118 16.05 23.12 20.26
CA HIS D 118 16.44 24.33 19.59
C HIS D 118 15.52 25.41 20.12
N PRO D 119 16.11 26.51 20.63
CA PRO D 119 15.32 27.50 21.34
C PRO D 119 14.41 28.37 20.48
N ARG D 120 14.40 28.17 19.17
CA ARG D 120 13.51 28.93 18.29
C ARG D 120 12.56 28.06 17.47
N MET D 121 12.59 26.75 17.67
CA MET D 121 11.74 25.85 16.87
C MET D 121 10.26 26.13 17.04
N ASN D 122 9.87 26.48 18.26
CA ASN D 122 8.46 26.71 18.55
C ASN D 122 7.85 27.90 17.84
N GLU D 123 8.68 28.85 17.44
CA GLU D 123 8.18 30.02 16.73
C GLU D 123 8.37 29.93 15.20
N ARG D 124 8.74 28.75 14.68
CA ARG D 124 9.06 28.59 13.26
C ARG D 124 8.24 27.49 12.59
N ALA D 125 7.35 27.91 11.70
CA ALA D 125 6.46 26.98 11.01
C ALA D 125 7.22 26.07 10.08
N PHE D 126 8.29 26.58 9.49
CA PHE D 126 9.11 25.82 8.56
C PHE D 126 9.90 24.73 9.27
N VAL D 127 9.85 24.72 10.59
CA VAL D 127 10.41 23.63 11.37
C VAL D 127 9.28 22.75 11.89
N LEU D 128 8.31 23.36 12.55
CA LEU D 128 7.23 22.61 13.19
C LEU D 128 6.38 21.81 12.23
N ILE D 129 6.07 22.39 11.08
CA ILE D 129 5.20 21.72 10.16
C ILE D 129 5.83 20.41 9.68
N PRO D 130 7.07 20.46 9.17
CA PRO D 130 7.68 19.18 8.78
C PRO D 130 7.94 18.26 9.96
N LEU D 131 8.35 18.82 11.08
CA LEU D 131 8.57 17.99 12.28
C LEU D 131 7.31 17.23 12.69
N ASN D 132 6.17 17.90 12.58
CA ASN D 132 4.89 17.33 12.93
C ASN D 132 4.54 16.14 12.04
N ASP D 133 5.03 16.15 10.80
CA ASP D 133 4.81 15.00 9.90
C ASP D 133 5.49 13.70 10.37
N ILE D 134 6.55 13.81 11.17
CA ILE D 134 7.26 12.62 11.67
C ILE D 134 7.42 12.51 13.20
N ALA D 135 6.92 13.49 13.93
CA ALA D 135 7.15 13.52 15.39
C ALA D 135 5.99 14.14 16.15
N ALA D 136 4.79 13.94 15.63
CA ALA D 136 3.58 14.56 16.19
C ALA D 136 3.44 14.32 17.69
N ASN D 137 3.80 13.13 18.17
CA ASN D 137 3.61 12.79 19.59
C ASN D 137 4.82 12.93 20.49
N VAL D 138 5.88 13.53 19.96
CA VAL D 138 7.07 13.74 20.76
C VAL D 138 6.85 14.99 21.60
N VAL D 139 7.33 14.95 22.83
CA VAL D 139 7.23 16.09 23.72
C VAL D 139 8.42 16.99 23.53
N GLU D 140 8.13 18.27 23.44
CA GLU D 140 9.14 19.32 23.53
C GLU D 140 9.28 19.67 25.02
N PRO D 141 10.44 19.38 25.62
CA PRO D 141 10.55 19.45 27.09
C PRO D 141 10.50 20.83 27.74
N ARG D 142 10.79 21.90 27.01
CA ARG D 142 10.70 23.24 27.61
C ARG D 142 9.24 23.69 27.78
N SER D 143 8.45 23.61 26.71
CA SER D 143 7.01 23.93 26.79
C SER D 143 6.19 22.81 27.41
N LYS D 144 6.75 21.61 27.39
CA LYS D 144 6.06 20.37 27.80
C LYS D 144 4.85 20.05 26.95
N LEU D 145 4.81 20.61 25.75
CA LEU D 145 3.77 20.29 24.79
C LEU D 145 4.29 19.36 23.74
N LYS D 146 3.38 18.59 23.18
CA LYS D 146 3.72 17.76 22.05
C LYS D 146 3.84 18.61 20.83
N VAL D 147 4.53 18.07 19.85
CA VAL D 147 4.73 18.79 18.59
C VAL D 147 3.37 19.10 18.00
N LYS D 148 2.50 18.10 17.93
CA LYS D 148 1.18 18.32 17.33
C LYS D 148 0.35 19.39 18.02
N ASP D 149 0.68 19.71 19.26
CA ASP D 149 0.03 20.78 20.03
C ASP D 149 0.66 22.15 19.79
N LEU D 150 1.85 22.17 19.19
CA LEU D 150 2.58 23.42 18.91
C LEU D 150 2.42 23.88 17.48
N VAL D 151 2.25 22.93 16.57
CA VAL D 151 2.17 23.27 15.17
C VAL D 151 1.00 24.21 14.91
N PHE D 152 1.24 25.20 14.06
CA PHE D 152 0.20 26.13 13.63
C PHE D 152 0.23 26.33 12.12
N VAL D 153 -0.89 26.81 11.61
CA VAL D 153 -1.02 27.08 10.19
C VAL D 153 -0.18 28.28 9.81
N ASP D 154 0.56 28.16 8.71
CA ASP D 154 1.25 29.29 8.10
C ASP D 154 1.29 29.13 6.59
N ASP D 155 0.64 30.06 5.91
CA ASP D 155 0.37 29.95 4.48
C ASP D 155 1.61 30.19 3.63
N SER D 156 2.62 30.82 4.22
CA SER D 156 3.89 30.99 3.53
C SER D 156 4.70 29.68 3.44
N VAL D 157 4.28 28.63 4.13
CA VAL D 157 4.97 27.34 4.12
C VAL D 157 4.18 26.33 3.33
N LYS D 158 4.72 25.98 2.16
CA LYS D 158 4.03 25.14 1.21
C LYS D 158 4.77 23.86 1.04
N ARG D 159 4.02 22.81 0.81
CA ARG D 159 4.61 21.55 0.47
C ARG D 159 5.32 21.69 -0.88
N TYR D 160 6.55 21.21 -0.95
CA TYR D 160 7.32 21.18 -2.16
C TYR D 160 7.35 19.72 -2.61
#